data_6WJS
#
_entry.id   6WJS
#
_cell.length_a   73.579
_cell.length_b   35.950
_cell.length_c   203.088
_cell.angle_alpha   90.000
_cell.angle_beta   90.000
_cell.angle_gamma   90.000
#
_symmetry.space_group_name_H-M   'P 21 2 21'
#
loop_
_entity.id
_entity.type
_entity.pdbx_description
1 polymer 'RNA (112-MER)'
2 non-polymer 'PHOSPHATE ION'
#
_entity_poly.entity_id   1
_entity_poly.type   'polyribonucleotide'
_entity_poly.pdbx_seq_one_letter_code
;GGAUCUUCGGGGCAGGGUGAAAUUCCCGACCGGUGGUAUAGUCCACGAAAGUAUUUGCUUUGAUUUGGUGAAAUUCCAAA
ACCGACAGUAGAGUCUGGAUGAGAGAAGAUUC
;
_entity_poly.pdbx_strand_id   X
#
loop_
_chem_comp.id
_chem_comp.type
_chem_comp.name
_chem_comp.formula
A RNA linking ADENOSINE-5'-MONOPHOSPHATE 'C10 H14 N5 O7 P'
C RNA linking CYTIDINE-5'-MONOPHOSPHATE 'C9 H14 N3 O8 P'
G RNA linking GUANOSINE-5'-MONOPHOSPHATE 'C10 H14 N5 O8 P'
PO4 non-polymer 'PHOSPHATE ION' 'O4 P -3'
U RNA linking URIDINE-5'-MONOPHOSPHATE 'C9 H13 N2 O9 P'
#
# COMPACT_ATOMS: atom_id res chain seq x y z
P PO4 B . 0.00 0.00 0.00
O1 PO4 B . 1.25 -0.32 0.79
O2 PO4 B . -0.85 -1.24 -0.13
O3 PO4 B . 0.39 0.49 -1.37
O4 PO4 B . -0.78 1.07 0.72
#